data_5K62
#
_entry.id   5K62
#
_cell.length_a   134.564
_cell.length_b   134.564
_cell.length_c   119.378
_cell.angle_alpha   90.00
_cell.angle_beta   90.00
_cell.angle_gamma   90.00
#
_symmetry.space_group_name_H-M   'I 41 2 2'
#
loop_
_entity.id
_entity.type
_entity.pdbx_description
1 polymer Nta1p
2 non-polymer ASPARAGINE
3 non-polymer VALINE
4 water water
#
_entity_poly.entity_id   1
_entity_poly.type   'polypeptide(L)'
_entity_poly.pdbx_seq_one_letter_code
;GSMLIDAIHGAKMSTKLLVSLKVLVIQLNPQIGQVDQTIKRTWSILDKVTKSATYVKPDIILFPEFALTGYSFHARKDIL
PYVTKKDEGPSFELAKSISEKFQCYTIIGYPEEDDEQKLYNSALVVNPQGGQIFNYRKTFLYDTEMNWDCEENPEGFQTF
PMDFSKCAKLSNEDSYNRDVTLKASIGISMDLSPYKFMAPFNHFEFSSFCVDNNVELILCPMAWLNSTSITDKQTLHNNS
LLEAAKNKIAFALKEQGLPLAGSQGIYQLKIGDSQRTPRVPSDDSTSEYKDMDEPDMSNVNYWILRFFPFLYFKLRINWF
KNSSLIESILGKTRMPLDHEYYKDGKHKEDTIDLLDSEEVIKDTVLEKTFLGTSLGQPWKFQGKNAILVLANRCGTEDGT
TIFAGSSGIYKFNGKKPKGSQDDDESSLDSLNESVELLGNLGKGLEGAILREVQFEVFR
;
_entity_poly.pdbx_strand_id   A
#
# COMPACT_ATOMS: atom_id res chain seq x y z
N THR A 15 -5.48 -27.26 8.27
CA THR A 15 -6.90 -27.11 8.01
C THR A 15 -7.17 -25.89 7.13
N LYS A 16 -7.70 -26.13 5.93
CA LYS A 16 -8.01 -25.04 5.02
C LYS A 16 -9.26 -24.28 5.45
N LEU A 17 -9.16 -22.96 5.43
CA LEU A 17 -10.26 -22.11 5.82
C LEU A 17 -10.52 -21.13 4.69
N LEU A 18 -11.74 -21.13 4.15
CA LEU A 18 -12.11 -20.21 3.08
C LEU A 18 -12.57 -18.88 3.64
N VAL A 19 -12.13 -17.80 3.02
CA VAL A 19 -12.46 -16.47 3.50
C VAL A 19 -13.10 -15.62 2.41
N SER A 20 -14.01 -14.75 2.81
CA SER A 20 -14.63 -13.80 1.91
C SER A 20 -14.66 -12.44 2.61
N LEU A 21 -13.92 -11.50 2.03
CA LEU A 21 -13.81 -10.15 2.59
C LEU A 21 -14.39 -9.13 1.63
N LYS A 22 -15.21 -8.23 2.16
CA LYS A 22 -15.69 -7.10 1.39
C LYS A 22 -14.72 -5.95 1.64
N VAL A 23 -14.00 -5.59 0.60
CA VAL A 23 -12.95 -4.56 0.72
C VAL A 23 -13.35 -3.29 -0.01
N LEU A 24 -13.34 -2.17 0.70
CA LEU A 24 -13.64 -0.90 0.09
C LEU A 24 -12.40 0.01 0.15
N VAL A 25 -11.98 0.53 -0.99
CA VAL A 25 -10.87 1.49 -1.04
C VAL A 25 -11.37 2.86 -1.47
N ILE A 26 -10.98 3.89 -0.72
CA ILE A 26 -11.35 5.28 -1.03
C ILE A 26 -10.16 6.03 -1.61
N GLN A 27 -10.35 6.65 -2.77
CA GLN A 27 -9.29 7.38 -3.43
C GLN A 27 -9.58 8.87 -3.40
N LEU A 28 -8.71 9.65 -2.77
CA LEU A 28 -8.95 11.07 -2.55
C LEU A 28 -7.84 11.94 -3.15
N ASN A 29 -8.18 13.21 -3.42
CA ASN A 29 -7.23 14.25 -3.81
C ASN A 29 -7.24 15.35 -2.76
N PRO A 30 -6.64 15.07 -1.59
CA PRO A 30 -6.56 16.06 -0.52
C PRO A 30 -5.56 17.16 -0.84
N GLN A 31 -5.92 18.41 -0.57
CA GLN A 31 -4.95 19.49 -0.74
C GLN A 31 -4.68 20.12 0.62
N ILE A 32 -3.46 20.62 0.82
CA ILE A 32 -3.06 21.18 2.11
C ILE A 32 -3.98 22.34 2.50
N GLY A 33 -4.47 22.30 3.72
CA GLY A 33 -5.36 23.33 4.23
C GLY A 33 -6.84 23.15 3.90
N GLN A 34 -7.21 21.98 3.35
CA GLN A 34 -8.59 21.70 3.00
C GLN A 34 -9.19 20.53 3.80
N VAL A 35 -8.68 20.28 5.00
CA VAL A 35 -9.08 19.10 5.78
C VAL A 35 -10.61 18.97 5.91
N ASP A 36 -11.27 20.05 6.30
CA ASP A 36 -12.73 20.05 6.45
C ASP A 36 -13.46 19.74 5.14
N GLN A 37 -12.97 20.28 4.03
CA GLN A 37 -13.59 20.04 2.73
C GLN A 37 -13.41 18.59 2.31
N THR A 38 -12.22 18.05 2.57
CA THR A 38 -11.91 16.65 2.22
C THR A 38 -12.78 15.70 3.04
N ILE A 39 -12.96 16.01 4.31
CA ILE A 39 -13.87 15.23 5.16
C ILE A 39 -15.28 15.25 4.59
N LYS A 40 -15.74 16.41 4.15
CA LYS A 40 -17.09 16.51 3.57
C LYS A 40 -17.20 15.68 2.29
N ARG A 41 -16.19 15.76 1.42
CA ARG A 41 -16.19 14.96 0.19
C ARG A 41 -16.16 13.47 0.54
N THR A 42 -15.46 13.11 1.60
CA THR A 42 -15.40 11.71 2.02
C THR A 42 -16.78 11.18 2.41
N TRP A 43 -17.54 11.98 3.15
CA TRP A 43 -18.88 11.55 3.57
C TRP A 43 -19.80 11.47 2.36
N SER A 44 -19.61 12.36 1.40
CA SER A 44 -20.35 12.32 0.14
C SER A 44 -20.08 11.04 -0.66
N ILE A 45 -18.81 10.66 -0.77
CA ILE A 45 -18.43 9.42 -1.45
C ILE A 45 -19.06 8.20 -0.80
N LEU A 46 -18.96 8.13 0.52
CA LEU A 46 -19.51 7.01 1.29
C LEU A 46 -21.03 6.94 1.15
N ASP A 47 -21.68 8.10 1.10
CA ASP A 47 -23.12 8.14 0.88
C ASP A 47 -23.46 7.53 -0.48
N LYS A 48 -22.74 7.96 -1.52
CA LYS A 48 -22.97 7.47 -2.87
C LYS A 48 -22.71 5.97 -2.97
N VAL A 49 -21.71 5.50 -2.22
CA VAL A 49 -21.38 4.09 -2.20
C VAL A 49 -22.55 3.25 -1.66
N THR A 50 -23.11 3.65 -0.53
CA THR A 50 -24.23 2.92 0.09
C THR A 50 -25.45 2.88 -0.81
N LYS A 51 -25.53 3.80 -1.76
CA LYS A 51 -26.68 3.90 -2.66
C LYS A 51 -26.42 3.15 -3.96
N SER A 52 -25.27 2.48 -4.03
CA SER A 52 -24.94 1.68 -5.21
C SER A 52 -25.87 0.50 -5.39
N ALA A 53 -26.15 0.15 -6.63
CA ALA A 53 -27.02 -0.97 -6.95
C ALA A 53 -26.47 -2.30 -6.42
N THR A 54 -25.15 -2.44 -6.43
CA THR A 54 -24.52 -3.67 -5.95
C THR A 54 -23.73 -3.46 -4.65
N TYR A 55 -24.14 -2.47 -3.87
CA TYR A 55 -23.51 -2.24 -2.58
C TYR A 55 -23.69 -3.41 -1.62
N VAL A 56 -22.59 -3.78 -0.96
CA VAL A 56 -22.60 -4.69 0.18
C VAL A 56 -21.75 -4.07 1.28
N LYS A 57 -22.01 -4.39 2.54
CA LYS A 57 -21.27 -3.76 3.64
C LYS A 57 -19.80 -4.18 3.62
N PRO A 58 -18.89 -3.21 3.64
CA PRO A 58 -17.47 -3.61 3.67
C PRO A 58 -17.05 -4.12 5.04
N ASP A 59 -16.11 -5.07 5.02
CA ASP A 59 -15.43 -5.53 6.22
C ASP A 59 -14.24 -4.64 6.58
N ILE A 60 -13.69 -3.99 5.57
CA ILE A 60 -12.53 -3.12 5.78
C ILE A 60 -12.56 -1.97 4.78
N ILE A 61 -12.19 -0.78 5.26
CA ILE A 61 -12.15 0.39 4.43
C ILE A 61 -10.75 1.00 4.53
N LEU A 62 -10.11 1.23 3.39
CA LEU A 62 -8.72 1.74 3.36
C LEU A 62 -8.63 3.09 2.63
N PHE A 63 -7.96 4.05 3.26
CA PHE A 63 -7.71 5.37 2.71
C PHE A 63 -6.23 5.52 2.33
N PRO A 64 -5.89 6.56 1.54
CA PRO A 64 -4.48 6.75 1.16
C PRO A 64 -3.58 7.29 2.28
N GLU A 65 -2.29 7.38 1.95
CA GLU A 65 -1.30 8.06 2.77
C GLU A 65 -1.67 9.53 2.94
N PHE A 66 -1.60 10.05 4.18
CA PHE A 66 -2.02 11.45 4.49
C PHE A 66 -3.34 11.82 3.81
N ALA A 67 -4.37 11.00 4.06
CA ALA A 67 -5.62 11.05 3.31
C ALA A 67 -6.39 12.36 3.42
N LEU A 68 -6.36 13.01 4.57
CA LEU A 68 -7.12 14.24 4.73
C LEU A 68 -6.30 15.52 4.66
N THR A 69 -4.98 15.40 4.67
CA THR A 69 -4.15 16.57 4.93
C THR A 69 -3.40 17.11 3.70
N GLY A 70 -3.25 16.29 2.65
CA GLY A 70 -2.34 16.66 1.56
C GLY A 70 -0.98 16.08 1.92
N TYR A 71 -0.03 16.13 0.98
CA TYR A 71 1.20 15.35 1.18
C TYR A 71 2.48 16.18 1.19
N SER A 72 2.58 17.14 0.28
CA SER A 72 3.86 17.82 0.02
C SER A 72 4.15 18.96 1.00
N PHE A 73 4.41 18.63 2.26
CA PHE A 73 4.80 19.63 3.24
C PHE A 73 6.28 19.95 3.11
N HIS A 74 6.63 21.23 3.13
CA HIS A 74 8.02 21.64 2.83
C HIS A 74 8.83 22.05 4.05
N ALA A 75 8.16 22.07 5.20
CA ALA A 75 8.81 22.50 6.43
C ALA A 75 8.04 21.94 7.62
N ARG A 76 8.75 21.72 8.73
CA ARG A 76 8.09 21.26 9.95
C ARG A 76 6.97 22.22 10.36
N LYS A 77 7.22 23.52 10.23
CA LYS A 77 6.23 24.54 10.61
C LYS A 77 4.93 24.39 9.81
N ASP A 78 5.03 23.99 8.55
CA ASP A 78 3.85 23.89 7.70
C ASP A 78 2.97 22.70 8.04
N ILE A 79 3.55 21.65 8.60
CA ILE A 79 2.78 20.45 8.87
C ILE A 79 2.24 20.45 10.30
N LEU A 80 2.86 21.24 11.17
CA LEU A 80 2.47 21.23 12.59
C LEU A 80 0.98 21.52 12.84
N PRO A 81 0.35 22.40 12.03
CA PRO A 81 -1.08 22.64 12.30
C PRO A 81 -1.98 21.45 11.94
N TYR A 82 -1.41 20.38 11.37
CA TYR A 82 -2.24 19.27 10.92
C TYR A 82 -1.89 17.96 11.62
N VAL A 83 -0.81 17.97 12.41
CA VAL A 83 -0.39 16.74 13.08
C VAL A 83 -1.35 16.45 14.22
N THR A 84 -1.45 15.18 14.59
CA THR A 84 -2.31 14.77 15.70
C THR A 84 -1.73 13.57 16.42
N LYS A 85 -2.13 13.39 17.69
CA LYS A 85 -1.85 12.14 18.39
C LYS A 85 -2.59 11.04 17.66
N LYS A 86 -2.15 9.81 17.86
CA LYS A 86 -2.71 8.68 17.14
C LYS A 86 -4.16 8.40 17.51
N ASP A 87 -4.64 8.96 18.62
CA ASP A 87 -6.00 8.68 19.05
C ASP A 87 -6.81 9.95 19.32
N GLU A 88 -6.42 11.03 18.67
CA GLU A 88 -7.17 12.27 18.73
C GLU A 88 -7.22 12.87 17.34
N GLY A 89 -8.16 13.79 17.12
CA GLY A 89 -8.12 14.61 15.93
C GLY A 89 -8.93 14.07 14.76
N PRO A 90 -8.96 14.86 13.67
CA PRO A 90 -9.85 14.69 12.52
C PRO A 90 -9.72 13.33 11.84
N SER A 91 -8.51 12.86 11.58
CA SER A 91 -8.36 11.56 10.92
C SER A 91 -8.86 10.42 11.80
N PHE A 92 -8.50 10.49 13.08
CA PHE A 92 -8.93 9.47 14.02
C PHE A 92 -10.45 9.51 14.21
N GLU A 93 -11.01 10.69 14.37
CA GLU A 93 -12.45 10.82 14.59
C GLU A 93 -13.23 10.37 13.35
N LEU A 94 -12.71 10.70 12.18
CA LEU A 94 -13.32 10.22 10.95
C LEU A 94 -13.33 8.68 10.91
N ALA A 95 -12.18 8.06 11.18
CA ALA A 95 -12.06 6.61 11.13
C ALA A 95 -12.96 5.92 12.17
N LYS A 96 -13.05 6.51 13.36
CA LYS A 96 -13.94 5.99 14.40
C LYS A 96 -15.40 6.07 13.97
N SER A 97 -15.78 7.20 13.35
CA SER A 97 -17.17 7.37 12.91
C SER A 97 -17.51 6.40 11.78
N ILE A 98 -16.59 6.24 10.84
CA ILE A 98 -16.79 5.33 9.74
C ILE A 98 -16.92 3.90 10.25
N SER A 99 -15.99 3.50 11.11
CA SER A 99 -15.97 2.14 11.64
C SER A 99 -17.25 1.81 12.41
N GLU A 100 -17.74 2.80 13.15
CA GLU A 100 -18.95 2.60 13.95
C GLU A 100 -20.18 2.54 13.04
N LYS A 101 -20.20 3.34 11.98
CA LYS A 101 -21.35 3.36 11.08
C LYS A 101 -21.40 2.16 10.16
N PHE A 102 -20.24 1.57 9.87
CA PHE A 102 -20.19 0.44 8.93
C PHE A 102 -19.80 -0.86 9.61
N GLN A 103 -19.57 -0.81 10.90
CA GLN A 103 -19.13 -1.97 11.68
C GLN A 103 -17.95 -2.66 10.99
N CYS A 104 -16.94 -1.88 10.63
CA CYS A 104 -15.80 -2.39 9.89
C CYS A 104 -14.46 -1.95 10.48
N TYR A 105 -13.38 -2.51 9.95
CA TYR A 105 -12.06 -1.94 10.19
C TYR A 105 -11.88 -0.75 9.25
N THR A 106 -11.28 0.32 9.77
CA THR A 106 -11.00 1.49 8.96
C THR A 106 -9.52 1.84 9.15
N ILE A 107 -8.80 2.01 8.06
CA ILE A 107 -7.36 2.34 8.10
C ILE A 107 -7.11 3.64 7.33
N ILE A 108 -6.51 4.64 7.99
CA ILE A 108 -6.30 5.93 7.33
C ILE A 108 -4.90 6.47 7.63
N GLY A 109 -4.28 7.06 6.61
CA GLY A 109 -2.95 7.64 6.78
C GLY A 109 -3.06 9.08 7.24
N TYR A 110 -2.18 9.47 8.15
CA TYR A 110 -2.30 10.79 8.78
C TYR A 110 -0.94 11.16 9.33
N PRO A 111 -0.66 12.48 9.47
CA PRO A 111 0.57 12.93 10.10
C PRO A 111 0.45 12.86 11.62
N GLU A 112 1.40 12.18 12.26
CA GLU A 112 1.29 11.93 13.70
C GLU A 112 2.35 12.68 14.49
N GLU A 113 1.95 13.18 15.66
CA GLU A 113 2.90 13.64 16.66
C GLU A 113 2.77 12.79 17.93
N ASP A 114 3.88 12.44 18.57
CA ASP A 114 3.80 11.71 19.83
C ASP A 114 4.05 12.63 21.04
N ASP A 115 3.99 12.05 22.24
CA ASP A 115 4.11 12.84 23.46
C ASP A 115 5.47 13.50 23.60
N GLU A 116 6.47 12.95 22.92
CA GLU A 116 7.82 13.51 22.96
C GLU A 116 8.09 14.43 21.77
N GLN A 117 7.02 14.90 21.13
CA GLN A 117 7.12 15.86 20.04
C GLN A 117 7.84 15.32 18.79
N LYS A 118 7.83 13.99 18.63
CA LYS A 118 8.39 13.37 17.44
C LYS A 118 7.29 13.25 16.38
N LEU A 119 7.64 13.44 15.12
CA LEU A 119 6.66 13.41 14.03
C LEU A 119 6.83 12.15 13.17
N TYR A 120 5.71 11.56 12.76
CA TYR A 120 5.72 10.38 11.91
C TYR A 120 4.69 10.48 10.79
N ASN A 121 4.90 9.66 9.78
CA ASN A 121 3.94 9.46 8.70
C ASN A 121 3.28 8.13 9.01
N SER A 122 2.01 8.17 9.40
CA SER A 122 1.42 7.00 10.02
C SER A 122 0.10 6.55 9.41
N ALA A 123 -0.31 5.35 9.79
CA ALA A 123 -1.61 4.80 9.41
C ALA A 123 -2.23 4.20 10.66
N LEU A 124 -3.37 4.73 11.08
CA LEU A 124 -4.05 4.19 12.26
C LEU A 124 -5.14 3.20 11.84
N VAL A 125 -5.37 2.20 12.68
CA VAL A 125 -6.38 1.18 12.41
C VAL A 125 -7.43 1.17 13.52
N VAL A 126 -8.69 1.31 13.13
CA VAL A 126 -9.81 1.31 14.06
C VAL A 126 -10.70 0.08 13.82
N ASN A 127 -11.08 -0.62 14.88
CA ASN A 127 -11.90 -1.81 14.74
C ASN A 127 -13.39 -1.46 14.67
N PRO A 128 -14.24 -2.46 14.39
CA PRO A 128 -15.68 -2.21 14.22
C PRO A 128 -16.37 -1.66 15.47
N GLN A 129 -15.71 -1.74 16.63
CA GLN A 129 -16.26 -1.17 17.85
C GLN A 129 -15.83 0.29 18.01
N GLY A 130 -15.07 0.78 17.04
CA GLY A 130 -14.57 2.15 17.08
C GLY A 130 -13.39 2.34 18.00
N GLY A 131 -12.70 1.24 18.32
CA GLY A 131 -11.53 1.30 19.14
C GLY A 131 -10.27 1.23 18.29
N GLN A 132 -9.27 2.02 18.63
CA GLN A 132 -8.03 1.98 17.88
C GLN A 132 -7.21 0.77 18.29
N ILE A 133 -6.90 -0.09 17.33
CA ILE A 133 -6.22 -1.34 17.61
C ILE A 133 -4.77 -1.33 17.14
N PHE A 134 -4.42 -0.40 16.26
CA PHE A 134 -3.05 -0.39 15.76
C PHE A 134 -2.70 0.98 15.19
N ASN A 135 -1.41 1.29 15.22
CA ASN A 135 -0.85 2.50 14.62
C ASN A 135 0.49 2.14 13.99
N TYR A 136 0.57 2.22 12.67
CA TYR A 136 1.78 1.87 11.96
C TYR A 136 2.47 3.14 11.47
N ARG A 137 3.79 3.18 11.63
CA ARG A 137 4.54 4.33 11.15
C ARG A 137 5.38 3.94 9.94
N LYS A 138 5.47 4.85 8.97
CA LYS A 138 6.22 4.60 7.74
C LYS A 138 7.66 4.25 8.10
N THR A 139 8.20 3.24 7.42
CA THR A 139 9.49 2.65 7.78
C THR A 139 10.62 3.13 6.85
N PHE A 140 10.32 3.18 5.56
CA PHE A 140 11.26 3.77 4.58
C PHE A 140 10.74 5.15 4.19
N LEU A 141 11.52 6.19 4.43
CA LEU A 141 11.02 7.55 4.15
C LEU A 141 11.38 8.04 2.75
N TYR A 142 10.52 8.89 2.21
CA TYR A 142 10.74 9.52 0.91
C TYR A 142 11.31 10.92 1.13
N ASP A 143 11.88 11.51 0.08
CA ASP A 143 12.46 12.86 0.14
C ASP A 143 11.57 13.87 0.88
N THR A 144 10.29 13.86 0.55
CA THR A 144 9.34 14.78 1.14
C THR A 144 9.32 14.72 2.67
N GLU A 145 9.34 13.50 3.23
CA GLU A 145 9.30 13.35 4.68
C GLU A 145 10.49 14.04 5.33
N MET A 146 11.63 14.05 4.64
CA MET A 146 12.83 14.67 5.20
C MET A 146 12.69 16.20 5.30
N ASN A 147 11.77 16.77 4.54
CA ASN A 147 11.50 18.21 4.62
C ASN A 147 10.99 18.65 5.99
N TRP A 148 10.24 17.78 6.66
CA TRP A 148 9.56 18.21 7.89
C TRP A 148 9.92 17.40 9.12
N ASP A 149 11.07 16.75 9.11
CA ASP A 149 11.64 16.12 10.29
C ASP A 149 10.92 14.83 10.68
N CYS A 150 10.28 14.18 9.71
CA CYS A 150 9.68 12.87 9.92
C CYS A 150 10.71 11.83 10.40
N GLU A 151 10.29 10.93 11.28
CA GLU A 151 11.13 9.85 11.81
C GLU A 151 10.85 8.54 11.09
N GLU A 152 11.85 7.66 11.02
CA GLU A 152 11.61 6.28 10.60
C GLU A 152 10.97 5.50 11.73
N ASN A 153 10.09 4.57 11.41
CA ASN A 153 9.51 3.66 12.39
C ASN A 153 10.63 2.89 13.11
N PRO A 154 10.79 3.08 14.43
CA PRO A 154 11.86 2.38 15.14
C PRO A 154 11.59 0.87 15.25
N GLU A 155 10.35 0.45 14.99
CA GLU A 155 10.03 -0.97 15.01
C GLU A 155 10.29 -1.66 13.68
N GLY A 156 10.59 -0.88 12.65
CA GLY A 156 10.71 -1.44 11.31
C GLY A 156 9.35 -1.94 10.84
N PHE A 157 9.33 -2.82 9.83
CA PHE A 157 8.07 -3.34 9.32
C PHE A 157 7.37 -4.12 10.42
N GLN A 158 6.04 -4.14 10.40
CA GLN A 158 5.29 -4.78 11.48
C GLN A 158 4.10 -5.56 10.98
N THR A 159 3.70 -6.58 11.72
CA THR A 159 2.46 -7.26 11.41
C THR A 159 1.50 -7.11 12.60
N PHE A 160 0.23 -7.35 12.38
CA PHE A 160 -0.76 -7.30 13.45
C PHE A 160 -1.96 -8.17 13.09
N PRO A 161 -2.66 -8.68 14.12
CA PRO A 161 -3.87 -9.48 13.85
C PRO A 161 -5.10 -8.61 13.62
N MET A 162 -5.95 -9.07 12.73
CA MET A 162 -7.25 -8.46 12.53
C MET A 162 -8.33 -9.54 12.66
N ASP A 163 -9.14 -9.42 13.70
CA ASP A 163 -10.20 -10.41 13.95
C ASP A 163 -11.42 -10.08 13.11
N PHE A 164 -11.71 -10.91 12.13
CA PHE A 164 -12.85 -10.70 11.27
C PHE A 164 -14.00 -11.61 11.68
N SER A 165 -15.21 -11.03 11.77
CA SER A 165 -16.40 -11.77 12.17
C SER A 165 -17.20 -12.25 10.99
N LYS A 166 -17.60 -13.52 11.02
CA LYS A 166 -18.49 -14.07 10.00
C LYS A 166 -17.96 -13.89 8.58
N CYS A 167 -16.71 -14.29 8.36
CA CYS A 167 -16.04 -14.06 7.09
C CYS A 167 -15.46 -15.35 6.50
N ALA A 168 -15.59 -16.45 7.24
CA ALA A 168 -14.88 -17.68 6.90
C ALA A 168 -15.73 -18.94 7.03
N LYS A 169 -15.31 -19.98 6.31
CA LYS A 169 -16.01 -21.27 6.31
C LYS A 169 -15.04 -22.40 5.99
N LEU A 170 -15.41 -23.62 6.37
CA LEU A 170 -14.71 -24.80 5.88
C LEU A 170 -15.17 -25.02 4.45
N SER A 171 -14.37 -25.74 3.66
CA SER A 171 -14.68 -25.93 2.25
C SER A 171 -16.01 -26.65 2.05
N ASN A 172 -16.40 -27.47 3.03
CA ASN A 172 -17.62 -28.24 2.94
C ASN A 172 -18.88 -27.41 3.22
N GLU A 173 -18.70 -26.26 3.88
CA GLU A 173 -19.83 -25.47 4.34
C GLU A 173 -20.38 -24.53 3.26
N ASP A 174 -21.61 -24.05 3.47
CA ASP A 174 -22.37 -23.37 2.42
C ASP A 174 -22.55 -21.87 2.68
N SER A 175 -22.07 -21.41 3.83
CA SER A 175 -22.08 -19.97 4.13
C SER A 175 -20.84 -19.59 4.96
N TYR A 176 -20.47 -18.31 4.90
CA TYR A 176 -19.34 -17.82 5.67
C TYR A 176 -19.78 -17.37 7.05
N ASN A 177 -19.87 -18.33 7.97
CA ASN A 177 -20.42 -18.07 9.27
C ASN A 177 -19.39 -18.25 10.37
N ARG A 178 -18.13 -18.47 9.99
CA ARG A 178 -17.04 -18.57 10.96
C ARG A 178 -16.26 -17.28 11.06
N ASP A 179 -15.56 -17.12 12.18
CA ASP A 179 -14.69 -15.99 12.39
C ASP A 179 -13.26 -16.36 12.01
N VAL A 180 -12.43 -15.37 11.73
CA VAL A 180 -11.04 -15.65 11.38
C VAL A 180 -10.15 -14.48 11.77
N THR A 181 -8.98 -14.80 12.32
CA THR A 181 -8.01 -13.76 12.59
C THR A 181 -6.93 -13.84 11.52
N LEU A 182 -6.86 -12.78 10.71
CA LEU A 182 -5.88 -12.70 9.63
C LEU A 182 -4.64 -11.95 10.09
N LYS A 183 -3.49 -12.39 9.60
CA LYS A 183 -2.24 -11.70 9.86
C LYS A 183 -2.12 -10.60 8.82
N ALA A 184 -2.04 -9.36 9.28
CA ALA A 184 -2.03 -8.24 8.35
C ALA A 184 -0.73 -7.48 8.47
N SER A 185 -0.42 -6.71 7.44
CA SER A 185 0.71 -5.81 7.50
C SER A 185 0.39 -4.54 6.72
N ILE A 186 0.76 -3.40 7.25
CA ILE A 186 0.61 -2.15 6.52
C ILE A 186 1.96 -1.71 5.99
N GLY A 187 2.00 -1.32 4.72
CA GLY A 187 3.19 -0.71 4.16
C GLY A 187 2.80 0.60 3.53
N ILE A 188 3.41 1.70 3.95
CA ILE A 188 3.09 3.01 3.41
C ILE A 188 4.08 3.35 2.27
N SER A 189 3.53 3.57 1.07
CA SER A 189 4.24 3.90 -0.18
C SER A 189 5.73 3.50 -0.28
N MET A 190 6.64 4.40 0.10
CA MET A 190 8.08 4.15 0.00
C MET A 190 8.54 2.83 0.67
N ASP A 191 7.76 2.32 1.62
CA ASP A 191 8.06 1.03 2.23
C ASP A 191 8.28 -0.04 1.17
N LEU A 192 7.60 0.11 0.03
CA LEU A 192 7.69 -0.85 -1.07
C LEU A 192 8.95 -0.74 -1.92
N SER A 193 9.66 0.38 -1.80
CA SER A 193 10.85 0.68 -2.60
C SER A 193 12.13 0.11 -2.00
N PRO A 194 13.20 -0.01 -2.81
CA PRO A 194 14.50 -0.28 -2.20
C PRO A 194 14.83 0.85 -1.22
N TYR A 195 15.41 0.52 -0.07
CA TYR A 195 15.74 1.49 0.96
C TYR A 195 16.49 2.71 0.41
N LYS A 196 15.93 3.89 0.64
CA LYS A 196 16.51 5.16 0.18
C LYS A 196 16.73 5.23 -1.31
N PHE A 197 16.11 4.33 -2.07
CA PHE A 197 16.39 4.17 -3.48
C PHE A 197 17.86 3.81 -3.74
N MET A 198 18.57 3.33 -2.71
CA MET A 198 20.01 3.04 -2.85
C MET A 198 20.30 1.55 -2.70
N ALA A 199 19.49 0.85 -1.89
CA ALA A 199 19.67 -0.59 -1.71
C ALA A 199 19.45 -1.33 -3.02
N PRO A 200 20.00 -2.55 -3.14
CA PRO A 200 19.78 -3.35 -4.35
C PRO A 200 18.29 -3.55 -4.62
N PHE A 201 17.91 -3.47 -5.89
CA PHE A 201 16.51 -3.63 -6.29
C PHE A 201 15.97 -4.98 -5.85
N ASN A 202 16.81 -6.01 -5.88
CA ASN A 202 16.27 -7.34 -5.67
C ASN A 202 16.22 -7.75 -4.20
N HIS A 203 16.45 -6.80 -3.30
CA HIS A 203 16.19 -7.08 -1.89
C HIS A 203 14.70 -7.19 -1.60
N PHE A 204 13.86 -6.46 -2.33
CA PHE A 204 12.41 -6.48 -2.10
C PHE A 204 12.08 -6.53 -0.61
N GLU A 205 12.54 -5.53 0.13
CA GLU A 205 12.49 -5.58 1.60
C GLU A 205 11.07 -5.82 2.15
N PHE A 206 10.11 -4.99 1.74
CA PHE A 206 8.77 -5.10 2.32
C PHE A 206 8.08 -6.40 1.94
N SER A 207 8.10 -6.72 0.66
CA SER A 207 7.36 -7.90 0.25
C SER A 207 8.05 -9.18 0.74
N SER A 208 9.37 -9.14 0.89
CA SER A 208 10.08 -10.27 1.50
C SER A 208 9.67 -10.44 2.95
N PHE A 209 9.55 -9.32 3.66
CA PHE A 209 9.11 -9.33 5.05
C PHE A 209 7.71 -9.94 5.18
N CYS A 210 6.81 -9.58 4.27
CA CYS A 210 5.43 -10.12 4.31
C CYS A 210 5.45 -11.62 4.04
N VAL A 211 6.24 -12.05 3.07
CA VAL A 211 6.36 -13.49 2.78
C VAL A 211 7.02 -14.23 3.96
N ASP A 212 8.08 -13.64 4.51
CA ASP A 212 8.79 -14.24 5.65
C ASP A 212 7.86 -14.47 6.82
N ASN A 213 6.97 -13.52 7.06
CA ASN A 213 6.09 -13.57 8.24
C ASN A 213 4.70 -14.14 7.94
N ASN A 214 4.54 -14.72 6.77
CA ASN A 214 3.28 -15.36 6.40
C ASN A 214 2.08 -14.42 6.51
N VAL A 215 2.28 -13.20 6.03
CA VAL A 215 1.21 -12.21 6.02
C VAL A 215 0.15 -12.60 4.99
N GLU A 216 -1.11 -12.42 5.35
CA GLU A 216 -2.23 -12.81 4.50
C GLU A 216 -2.95 -11.60 3.91
N LEU A 217 -2.92 -10.48 4.62
CA LEU A 217 -3.60 -9.28 4.18
C LEU A 217 -2.62 -8.12 4.21
N ILE A 218 -2.27 -7.61 3.03
CA ILE A 218 -1.33 -6.51 2.89
C ILE A 218 -2.06 -5.23 2.52
N LEU A 219 -1.88 -4.19 3.33
CA LEU A 219 -2.62 -2.94 3.17
C LEU A 219 -1.65 -1.78 2.93
N CYS A 220 -1.84 -1.08 1.83
CA CYS A 220 -0.88 -0.04 1.46
C CYS A 220 -1.53 1.29 1.14
N PRO A 221 -1.66 2.16 2.16
CA PRO A 221 -1.97 3.56 1.90
C PRO A 221 -0.79 4.20 1.17
N MET A 222 -1.02 4.90 0.07
CA MET A 222 0.12 5.49 -0.66
C MET A 222 -0.14 6.89 -1.16
N ALA A 223 0.94 7.62 -1.43
CA ALA A 223 0.89 8.86 -2.17
C ALA A 223 1.98 8.75 -3.23
N TRP A 224 1.70 7.90 -4.20
CA TRP A 224 2.71 7.43 -5.16
C TRP A 224 2.62 8.22 -6.47
N LEU A 225 3.76 8.67 -6.97
CA LEU A 225 3.83 9.54 -8.14
C LEU A 225 3.69 8.85 -9.49
N ASN A 226 2.97 9.52 -10.39
CA ASN A 226 3.04 9.25 -11.81
C ASN A 226 4.37 9.82 -12.37
N SER A 227 4.97 9.15 -13.36
CA SER A 227 6.35 9.50 -13.73
C SER A 227 6.43 10.81 -14.53
N THR A 228 5.29 11.40 -14.82
CA THR A 228 5.25 12.74 -15.41
C THR A 228 5.71 13.80 -14.39
N SER A 229 5.73 13.42 -13.12
CA SER A 229 6.20 14.32 -12.06
C SER A 229 7.64 14.78 -12.24
N ILE A 230 7.96 15.94 -11.70
CA ILE A 230 9.33 16.45 -11.75
C ILE A 230 10.10 15.97 -10.53
N THR A 231 11.08 15.09 -10.75
CA THR A 231 11.85 14.57 -9.62
C THR A 231 13.35 14.76 -9.79
N ASP A 232 13.78 15.18 -10.97
CA ASP A 232 15.20 15.39 -11.23
C ASP A 232 15.75 16.50 -10.32
N LYS A 233 16.72 16.13 -9.49
CA LYS A 233 17.19 17.04 -8.46
C LYS A 233 17.86 18.30 -9.05
N GLN A 234 18.55 18.16 -10.17
CA GLN A 234 19.21 19.31 -10.78
C GLN A 234 18.15 20.30 -11.28
N THR A 235 17.05 19.76 -11.79
CA THR A 235 15.92 20.58 -12.22
C THR A 235 15.24 21.29 -11.06
N LEU A 236 14.99 20.55 -9.99
CA LEU A 236 14.33 21.16 -8.83
C LEU A 236 15.13 22.32 -8.22
N HIS A 237 16.45 22.32 -8.40
CA HIS A 237 17.30 23.31 -7.73
C HIS A 237 17.95 24.30 -8.68
N ASN A 238 17.43 24.34 -9.89
CA ASN A 238 17.79 25.35 -10.88
C ASN A 238 16.52 26.05 -11.30
N ASN A 239 16.32 27.28 -10.82
CA ASN A 239 15.05 27.98 -11.02
C ASN A 239 14.63 28.11 -12.48
N SER A 240 15.60 28.22 -13.39
CA SER A 240 15.28 28.28 -14.83
C SER A 240 14.79 26.93 -15.39
N LEU A 241 15.48 25.86 -15.05
CA LEU A 241 15.05 24.53 -15.43
C LEU A 241 13.70 24.14 -14.79
N LEU A 242 13.48 24.59 -13.56
CA LEU A 242 12.26 24.27 -12.84
C LEU A 242 11.06 24.99 -13.44
N GLU A 243 11.22 26.28 -13.73
CA GLU A 243 10.16 27.07 -14.36
C GLU A 243 9.73 26.45 -15.68
N ALA A 244 10.69 25.97 -16.46
CA ALA A 244 10.36 25.33 -17.74
C ALA A 244 9.63 24.01 -17.51
N ALA A 245 10.05 23.27 -16.48
CA ALA A 245 9.46 21.97 -16.19
C ALA A 245 8.02 22.12 -15.71
N LYS A 246 7.79 23.12 -14.85
CA LYS A 246 6.46 23.42 -14.34
C LYS A 246 5.52 23.81 -15.48
N ASN A 247 6.02 24.56 -16.46
CA ASN A 247 5.20 24.91 -17.62
C ASN A 247 4.73 23.67 -18.37
N LYS A 248 5.56 22.63 -18.42
CA LYS A 248 5.22 21.42 -19.14
C LYS A 248 4.07 20.69 -18.47
N ILE A 249 4.10 20.66 -17.14
CA ILE A 249 3.02 20.00 -16.40
C ILE A 249 1.75 20.84 -16.48
N ALA A 250 1.90 22.15 -16.37
CA ALA A 250 0.76 23.05 -16.52
C ALA A 250 0.01 22.75 -17.81
N PHE A 251 0.73 22.72 -18.93
CA PHE A 251 0.11 22.46 -20.22
C PHE A 251 -0.55 21.09 -20.25
N ALA A 252 0.11 20.11 -19.65
CA ALA A 252 -0.38 18.73 -19.64
C ALA A 252 -1.74 18.59 -18.94
N LEU A 253 -1.93 19.37 -17.88
CA LEU A 253 -3.22 19.37 -17.18
C LEU A 253 -4.26 20.20 -17.93
N LYS A 254 -3.85 21.36 -18.43
CA LYS A 254 -4.77 22.23 -19.17
C LYS A 254 -5.35 21.49 -20.37
N GLU A 255 -4.48 20.83 -21.12
CA GLU A 255 -4.90 20.02 -22.27
C GLU A 255 -5.92 18.95 -21.88
N GLN A 256 -5.95 18.57 -20.62
CA GLN A 256 -6.92 17.58 -20.13
C GLN A 256 -8.21 18.21 -19.60
N GLY A 257 -8.27 19.55 -19.58
CA GLY A 257 -9.42 20.22 -19.00
C GLY A 257 -9.45 20.04 -17.49
N LEU A 258 -8.27 20.02 -16.89
CA LEU A 258 -8.15 19.87 -15.44
C LEU A 258 -7.56 21.11 -14.80
N PRO A 259 -8.06 21.47 -13.61
CA PRO A 259 -7.38 22.53 -12.84
C PRO A 259 -6.01 22.02 -12.41
N LEU A 260 -5.09 22.91 -12.08
CA LEU A 260 -3.71 22.47 -11.85
C LEU A 260 -3.62 21.46 -10.70
N ALA A 261 -4.52 21.54 -9.72
CA ALA A 261 -4.49 20.62 -8.57
C ALA A 261 -5.09 19.25 -8.90
N GLY A 262 -5.66 19.12 -10.09
CA GLY A 262 -6.29 17.87 -10.46
C GLY A 262 -7.76 17.85 -10.06
N SER A 263 -8.43 16.74 -10.37
CA SER A 263 -9.86 16.62 -10.15
C SER A 263 -10.24 16.38 -8.69
N GLN A 264 -11.27 17.08 -8.24
CA GLN A 264 -11.87 16.83 -6.94
C GLN A 264 -13.39 16.83 -7.06
N GLY A 265 -14.04 15.95 -6.32
CA GLY A 265 -15.49 16.02 -6.18
C GLY A 265 -16.31 15.45 -7.32
N ILE A 266 -15.64 14.77 -8.24
CA ILE A 266 -16.31 14.06 -9.32
C ILE A 266 -15.91 12.60 -9.15
N TYR A 267 -16.84 11.76 -8.69
CA TYR A 267 -16.47 10.47 -8.13
C TYR A 267 -16.65 9.31 -9.09
N GLN A 268 -15.59 8.53 -9.25
CA GLN A 268 -15.66 7.27 -9.97
C GLN A 268 -15.99 6.16 -8.99
N LEU A 269 -17.13 5.50 -9.20
CA LEU A 269 -17.55 4.47 -8.29
C LEU A 269 -17.55 3.11 -8.99
N LYS A 270 -16.82 2.16 -8.42
CA LYS A 270 -16.87 0.77 -8.87
C LYS A 270 -17.26 -0.09 -7.69
N ILE A 271 -18.55 -0.13 -7.39
CA ILE A 271 -18.99 -0.71 -6.15
C ILE A 271 -19.67 -2.05 -6.36
N GLY A 272 -18.98 -3.12 -5.97
CA GLY A 272 -19.56 -4.45 -6.01
C GLY A 272 -19.62 -5.12 -7.38
N ASP A 273 -19.18 -4.42 -8.41
CA ASP A 273 -19.06 -5.04 -9.73
C ASP A 273 -17.90 -6.03 -9.72
N SER A 274 -17.68 -6.74 -10.82
CA SER A 274 -16.60 -7.71 -10.89
C SER A 274 -15.68 -7.46 -12.08
N GLN A 275 -15.71 -6.24 -12.62
CA GLN A 275 -14.83 -5.85 -13.71
C GLN A 275 -13.36 -5.93 -13.28
N ARG A 276 -12.58 -6.75 -13.97
CA ARG A 276 -11.17 -6.93 -13.66
C ARG A 276 -10.34 -5.98 -14.49
N THR A 277 -9.13 -5.69 -14.04
CA THR A 277 -8.22 -4.85 -14.80
C THR A 277 -7.44 -5.67 -15.82
N PRO A 278 -7.45 -5.23 -17.09
CA PRO A 278 -6.76 -5.96 -18.17
C PRO A 278 -5.25 -6.04 -17.97
N ARG A 279 -4.68 -7.22 -18.18
CA ARG A 279 -3.25 -7.40 -18.05
C ARG A 279 -2.53 -6.76 -19.24
N VAL A 280 -1.55 -5.91 -18.94
CA VAL A 280 -0.90 -5.09 -19.95
C VAL A 280 0.57 -4.84 -19.58
N PRO A 281 1.48 -4.93 -20.56
CA PRO A 281 2.92 -4.63 -20.39
C PRO A 281 3.19 -3.12 -20.36
N SER A 282 4.21 -2.68 -19.63
CA SER A 282 4.57 -1.26 -19.61
C SER A 282 5.21 -0.83 -20.94
N ASP A 283 4.68 0.26 -21.50
CA ASP A 283 5.21 0.83 -22.74
C ASP A 283 5.52 2.31 -22.53
N ASP A 284 6.03 2.97 -23.56
CA ASP A 284 6.31 4.41 -23.48
C ASP A 284 5.03 5.21 -23.26
N SER A 285 3.88 4.58 -23.49
CA SER A 285 2.61 5.27 -23.43
C SER A 285 1.85 5.03 -22.13
N THR A 286 2.17 3.94 -21.42
CA THR A 286 1.44 3.57 -20.23
C THR A 286 1.70 4.51 -19.05
N SER A 287 2.69 5.40 -19.20
CA SER A 287 3.05 6.35 -18.14
C SER A 287 2.43 7.71 -18.33
N GLU A 288 1.84 7.96 -19.50
CA GLU A 288 1.28 9.27 -19.83
C GLU A 288 0.12 9.62 -18.90
N TYR A 289 0.12 10.85 -18.39
CA TYR A 289 -0.99 11.30 -17.56
C TYR A 289 -2.13 11.73 -18.47
N LYS A 290 -2.84 10.74 -19.00
CA LYS A 290 -4.01 10.95 -19.84
C LYS A 290 -5.06 9.93 -19.48
N ASP A 291 -6.31 10.16 -19.89
CA ASP A 291 -7.41 9.22 -19.64
C ASP A 291 -7.65 8.96 -18.14
N MET A 292 -8.22 9.95 -17.46
CA MET A 292 -8.26 9.98 -16.00
C MET A 292 -9.03 8.82 -15.36
N ASP A 293 -9.91 8.17 -16.12
CA ASP A 293 -10.68 7.10 -15.51
C ASP A 293 -10.01 5.72 -15.66
N GLU A 294 -8.87 5.68 -16.33
CA GLU A 294 -8.09 4.43 -16.48
C GLU A 294 -6.87 4.42 -15.56
N PRO A 295 -6.52 3.25 -14.99
CA PRO A 295 -5.32 3.17 -14.16
C PRO A 295 -4.02 3.46 -14.93
N ASP A 296 -3.00 3.91 -14.20
CA ASP A 296 -1.66 4.12 -14.72
C ASP A 296 -0.98 2.74 -14.71
N MET A 297 -0.96 2.06 -15.85
CA MET A 297 -0.47 0.67 -15.87
C MET A 297 1.04 0.57 -15.70
N SER A 298 1.77 1.64 -16.00
CA SER A 298 3.18 1.66 -15.68
C SER A 298 3.38 1.47 -14.17
N ASN A 299 2.59 2.17 -13.36
CA ASN A 299 2.73 2.01 -11.92
C ASN A 299 2.13 0.71 -11.43
N VAL A 300 1.00 0.29 -12.02
CA VAL A 300 0.40 -0.97 -11.59
C VAL A 300 1.41 -2.11 -11.81
N ASN A 301 2.04 -2.12 -12.97
CA ASN A 301 3.06 -3.15 -13.24
C ASN A 301 4.26 -3.06 -12.30
N TYR A 302 4.64 -1.84 -11.93
CA TYR A 302 5.77 -1.64 -11.06
C TYR A 302 5.42 -2.11 -9.66
N TRP A 303 4.21 -1.80 -9.20
CA TRP A 303 3.81 -2.23 -7.86
C TRP A 303 3.82 -3.75 -7.80
N ILE A 304 3.26 -4.38 -8.83
CA ILE A 304 3.24 -5.84 -8.89
C ILE A 304 4.67 -6.39 -8.82
N LEU A 305 5.58 -5.78 -9.57
CA LEU A 305 6.99 -6.22 -9.56
C LEU A 305 7.64 -6.11 -8.17
N ARG A 306 7.32 -5.07 -7.40
CA ARG A 306 7.90 -4.94 -6.06
C ARG A 306 7.36 -6.01 -5.09
N PHE A 307 6.37 -6.78 -5.54
CA PHE A 307 5.87 -7.93 -4.78
C PHE A 307 6.36 -9.24 -5.39
N PHE A 308 7.49 -9.18 -6.08
CA PHE A 308 8.13 -10.33 -6.72
C PHE A 308 8.11 -11.66 -5.92
N PRO A 309 8.42 -11.63 -4.60
CA PRO A 309 8.41 -12.88 -3.82
C PRO A 309 7.07 -13.61 -3.84
N PHE A 310 5.98 -12.88 -4.13
CA PHE A 310 4.64 -13.44 -4.19
C PHE A 310 4.28 -13.95 -5.58
N LEU A 311 5.16 -13.69 -6.55
CA LEU A 311 4.89 -14.06 -7.94
C LEU A 311 5.58 -15.36 -8.33
N TYR A 312 4.90 -16.18 -9.13
CA TYR A 312 5.54 -17.35 -9.69
C TYR A 312 6.69 -16.95 -10.61
N PHE A 313 7.81 -17.67 -10.51
CA PHE A 313 8.97 -17.39 -11.35
C PHE A 313 9.72 -18.70 -11.61
N LYS A 314 9.84 -19.09 -12.87
CA LYS A 314 10.35 -20.43 -13.22
C LYS A 314 11.76 -20.70 -12.70
N LEU A 315 12.61 -19.68 -12.73
CA LEU A 315 14.02 -19.84 -12.39
C LEU A 315 14.27 -20.26 -10.95
N ARG A 316 13.28 -20.12 -10.08
CA ARG A 316 13.49 -20.46 -8.67
C ARG A 316 13.87 -21.93 -8.48
N ILE A 317 13.41 -22.79 -9.38
CA ILE A 317 13.73 -24.22 -9.24
C ILE A 317 15.25 -24.41 -9.37
N ASN A 318 15.88 -23.68 -10.29
CA ASN A 318 17.34 -23.73 -10.45
C ASN A 318 18.11 -23.09 -9.29
N TRP A 319 17.57 -21.99 -8.77
CA TRP A 319 18.18 -21.34 -7.61
C TRP A 319 18.22 -22.28 -6.42
N PHE A 320 17.14 -23.04 -6.26
CA PHE A 320 17.01 -23.92 -5.11
C PHE A 320 17.91 -25.14 -5.28
N LYS A 321 17.87 -25.75 -6.47
CA LYS A 321 18.65 -26.95 -6.76
C LYS A 321 20.16 -26.68 -6.65
N ASN A 322 20.57 -25.48 -7.04
CA ASN A 322 21.98 -25.12 -7.01
C ASN A 322 22.38 -24.47 -5.69
N SER A 323 21.42 -24.33 -4.79
CA SER A 323 21.64 -23.66 -3.50
C SER A 323 22.28 -22.27 -3.66
N SER A 324 21.93 -21.58 -4.75
CA SER A 324 22.56 -20.31 -5.13
C SER A 324 22.29 -19.18 -4.13
N LEU A 325 21.20 -19.28 -3.36
CA LEU A 325 20.78 -18.18 -2.50
C LEU A 325 20.91 -18.46 -1.01
N ILE A 326 21.50 -19.59 -0.65
CA ILE A 326 21.64 -19.95 0.76
C ILE A 326 22.39 -18.86 1.53
N GLU A 327 23.48 -18.36 0.96
CA GLU A 327 24.26 -17.34 1.64
C GLU A 327 23.48 -16.02 1.77
N SER A 328 22.70 -15.69 0.74
CA SER A 328 21.86 -14.50 0.79
C SER A 328 20.76 -14.63 1.85
N ILE A 329 20.15 -15.81 1.90
CA ILE A 329 19.09 -16.06 2.87
C ILE A 329 19.62 -16.01 4.29
N LEU A 330 20.72 -16.71 4.53
CA LEU A 330 21.33 -16.75 5.86
C LEU A 330 21.85 -15.38 6.27
N GLY A 331 22.42 -14.67 5.31
CA GLY A 331 23.04 -13.39 5.58
C GLY A 331 22.14 -12.18 5.68
N LYS A 332 20.86 -12.32 5.37
CA LYS A 332 20.03 -11.12 5.38
C LYS A 332 19.59 -10.76 6.80
N THR A 333 19.54 -9.46 7.07
CA THR A 333 19.12 -8.96 8.37
C THR A 333 17.65 -8.53 8.30
N ARG A 334 17.04 -8.30 9.46
CA ARG A 334 15.62 -7.98 9.50
C ARG A 334 15.37 -6.63 8.84
N MET A 335 16.26 -5.68 9.08
CA MET A 335 16.15 -4.37 8.45
C MET A 335 17.52 -3.98 7.89
N PRO A 336 17.57 -2.89 7.10
CA PRO A 336 18.89 -2.37 6.71
C PRO A 336 19.70 -1.97 7.94
N LEU A 337 21.01 -2.24 7.93
CA LEU A 337 21.83 -2.04 9.12
C LEU A 337 21.83 -0.60 9.65
N ASP A 338 21.69 0.36 8.74
CA ASP A 338 21.68 1.76 9.13
C ASP A 338 20.28 2.31 9.42
N HIS A 339 19.30 1.43 9.46
CA HIS A 339 17.93 1.84 9.73
C HIS A 339 17.73 2.18 11.20
N GLU A 340 16.77 3.07 11.48
CA GLU A 340 16.34 3.41 12.83
C GLU A 340 16.15 2.19 13.73
N TYR A 341 15.66 1.10 13.14
CA TYR A 341 15.48 -0.17 13.85
C TYR A 341 16.63 -0.57 14.78
N TYR A 342 17.86 -0.35 14.34
CA TYR A 342 19.04 -0.78 15.10
C TYR A 342 19.66 0.32 15.94
N LYS A 343 19.15 1.54 15.79
CA LYS A 343 19.72 2.72 16.45
C LYS A 343 19.09 2.99 17.81
N GLY A 345 17.03 -0.03 19.45
CA GLY A 345 18.20 -0.73 19.97
C GLY A 345 18.09 -2.25 19.98
N LYS A 346 17.57 -2.83 18.90
CA LYS A 346 17.65 -4.28 18.68
C LYS A 346 19.04 -4.58 18.15
N HIS A 347 19.34 -5.86 17.91
CA HIS A 347 20.65 -6.25 17.40
C HIS A 347 20.61 -7.57 16.66
N ASP A 353 26.63 -16.04 12.01
CA ASP A 353 26.93 -16.92 10.90
C ASP A 353 26.64 -18.37 11.25
N LEU A 354 25.40 -18.79 11.04
CA LEU A 354 24.93 -20.10 11.47
C LEU A 354 25.74 -21.25 10.85
N LEU A 355 26.30 -21.02 9.67
CA LEU A 355 27.05 -22.07 8.98
C LEU A 355 28.39 -22.35 9.66
N ASP A 356 28.83 -21.40 10.49
CA ASP A 356 30.12 -21.53 11.18
C ASP A 356 29.96 -21.46 12.69
N SER A 357 28.90 -22.05 13.22
CA SER A 357 28.61 -21.99 14.65
C SER A 357 28.08 -23.32 15.14
N GLU A 358 27.88 -23.42 16.45
CA GLU A 358 27.30 -24.62 17.05
C GLU A 358 25.84 -24.39 17.48
N GLU A 359 25.32 -23.19 17.20
CA GLU A 359 23.91 -22.89 17.47
C GLU A 359 23.07 -23.61 16.41
N VAL A 360 21.88 -24.06 16.80
CA VAL A 360 21.03 -24.81 15.89
C VAL A 360 20.27 -23.87 14.94
N ILE A 361 19.70 -24.44 13.89
CA ILE A 361 18.86 -23.69 12.96
C ILE A 361 17.44 -23.54 13.49
N LYS A 362 17.06 -22.32 13.84
CA LYS A 362 15.73 -22.06 14.38
C LYS A 362 14.66 -21.99 13.28
N ASP A 363 13.42 -22.24 13.67
CA ASP A 363 12.27 -22.15 12.77
C ASP A 363 12.27 -20.85 11.96
N THR A 364 12.55 -19.73 12.63
CA THR A 364 12.55 -18.41 11.99
C THR A 364 13.52 -18.33 10.83
N VAL A 365 14.63 -19.04 10.93
CA VAL A 365 15.62 -19.03 9.85
C VAL A 365 15.08 -19.82 8.67
N LEU A 366 14.34 -20.88 8.94
CA LEU A 366 13.71 -21.66 7.88
C LEU A 366 12.51 -20.94 7.23
N GLU A 367 12.03 -19.86 7.85
CA GLU A 367 10.95 -19.06 7.25
C GLU A 367 11.50 -17.92 6.37
N LYS A 368 12.78 -17.61 6.51
CA LYS A 368 13.39 -16.50 5.77
C LYS A 368 13.43 -16.75 4.28
N THR A 369 13.30 -15.69 3.49
CA THR A 369 13.35 -15.82 2.03
C THR A 369 14.27 -14.76 1.42
N PHE A 370 14.77 -15.06 0.24
CA PHE A 370 15.43 -14.09 -0.63
C PHE A 370 14.98 -14.37 -2.05
N LEU A 371 14.49 -13.34 -2.73
CA LEU A 371 13.93 -13.52 -4.07
C LEU A 371 12.80 -14.55 -4.06
N GLY A 372 12.12 -14.70 -2.93
CA GLY A 372 10.98 -15.59 -2.84
C GLY A 372 11.32 -17.05 -2.51
N THR A 373 12.62 -17.34 -2.44
CA THR A 373 13.12 -18.70 -2.19
C THR A 373 13.54 -18.86 -0.73
N SER A 374 13.29 -20.04 -0.16
CA SER A 374 13.67 -20.29 1.23
C SER A 374 14.72 -21.41 1.28
N LEU A 375 15.21 -21.73 2.46
CA LEU A 375 16.18 -22.83 2.58
C LEU A 375 15.51 -24.17 2.29
N GLY A 376 14.19 -24.24 2.51
CA GLY A 376 13.47 -25.50 2.35
C GLY A 376 12.63 -25.64 1.09
N GLN A 377 12.29 -24.52 0.46
CA GLN A 377 11.45 -24.54 -0.75
C GLN A 377 11.95 -23.60 -1.81
N PRO A 378 11.82 -23.99 -3.09
CA PRO A 378 12.18 -23.08 -4.18
C PRO A 378 11.34 -21.81 -4.15
N TRP A 379 10.05 -21.93 -3.80
CA TRP A 379 9.17 -20.76 -3.74
C TRP A 379 8.31 -20.86 -2.49
N LYS A 380 8.64 -20.08 -1.47
CA LYS A 380 7.98 -20.27 -0.18
C LYS A 380 6.48 -20.02 -0.25
N PHE A 381 6.08 -19.06 -1.07
CA PHE A 381 4.66 -18.69 -1.15
C PHE A 381 3.81 -19.71 -1.92
N GLN A 382 4.44 -20.63 -2.64
CA GLN A 382 3.71 -21.58 -3.48
C GLN A 382 2.56 -22.25 -2.72
N GLY A 383 1.39 -22.30 -3.35
CA GLY A 383 0.21 -22.88 -2.74
C GLY A 383 -0.48 -22.01 -1.70
N LYS A 384 -0.02 -20.78 -1.50
CA LYS A 384 -0.63 -19.91 -0.50
C LYS A 384 -1.51 -18.84 -1.15
N ASN A 385 -2.25 -18.10 -0.35
CA ASN A 385 -3.01 -16.95 -0.82
C ASN A 385 -2.68 -15.73 -0.01
N ALA A 386 -2.66 -14.58 -0.66
CA ALA A 386 -2.52 -13.31 0.04
C ALA A 386 -3.29 -12.24 -0.73
N ILE A 387 -3.84 -11.28 0.01
CA ILE A 387 -4.58 -10.19 -0.60
C ILE A 387 -3.81 -8.86 -0.43
N LEU A 388 -3.68 -8.12 -1.53
CA LEU A 388 -3.01 -6.81 -1.50
C LEU A 388 -4.02 -5.73 -1.81
N VAL A 389 -4.16 -4.77 -0.90
CA VAL A 389 -5.05 -3.65 -1.09
C VAL A 389 -4.22 -2.37 -1.14
N LEU A 390 -4.30 -1.66 -2.27
CA LEU A 390 -3.49 -0.45 -2.49
C LEU A 390 -4.40 0.77 -2.64
N ALA A 391 -4.31 1.68 -1.67
CA ALA A 391 -5.10 2.89 -1.71
C ALA A 391 -4.16 4.05 -2.01
N ASN A 392 -4.17 4.50 -3.26
CA ASN A 392 -3.27 5.57 -3.66
C ASN A 392 -4.04 6.87 -3.92
N ARG A 393 -3.52 8.00 -3.47
CA ARG A 393 -4.22 9.25 -3.74
C ARG A 393 -4.09 9.65 -5.22
N CYS A 394 -4.93 10.60 -5.65
CA CYS A 394 -4.81 11.20 -6.97
C CYS A 394 -4.56 12.70 -6.84
N GLY A 395 -4.58 13.41 -7.97
CA GLY A 395 -4.35 14.85 -7.95
C GLY A 395 -2.90 15.29 -8.09
N THR A 396 -2.65 16.58 -7.86
CA THR A 396 -1.36 17.21 -8.08
C THR A 396 -1.04 18.19 -6.97
N GLU A 397 0.26 18.39 -6.70
CA GLU A 397 0.72 19.38 -5.73
C GLU A 397 1.95 20.15 -6.24
N ASP A 398 2.04 21.42 -5.86
CA ASP A 398 3.21 22.28 -6.10
C ASP A 398 3.45 22.62 -7.57
N GLY A 399 2.57 22.15 -8.44
CA GLY A 399 2.78 22.27 -9.87
C GLY A 399 3.87 21.36 -10.41
N THR A 400 4.37 20.45 -9.56
CA THR A 400 5.49 19.59 -9.92
C THR A 400 5.19 18.10 -9.75
N THR A 401 4.17 17.80 -8.94
CA THR A 401 3.98 16.45 -8.44
C THR A 401 2.61 15.91 -8.80
N ILE A 402 2.58 14.87 -9.63
CA ILE A 402 1.33 14.29 -10.07
C ILE A 402 1.21 12.89 -9.49
N PHE A 403 0.19 12.69 -8.65
CA PHE A 403 0.02 11.36 -8.02
C PHE A 403 -0.69 10.43 -9.00
N ALA A 404 -0.40 9.13 -8.89
CA ALA A 404 -0.80 8.19 -9.91
C ALA A 404 -2.23 7.62 -9.76
N GLY A 405 -2.86 7.86 -8.61
CA GLY A 405 -4.14 7.23 -8.34
C GLY A 405 -4.07 5.72 -8.57
N SER A 406 -5.07 5.16 -9.24
CA SER A 406 -5.07 3.76 -9.66
C SER A 406 -5.11 2.79 -8.48
N SER A 407 -5.81 3.19 -7.41
CA SER A 407 -6.07 2.31 -6.28
C SER A 407 -6.66 1.00 -6.77
N GLY A 408 -6.31 -0.09 -6.11
CA GLY A 408 -6.72 -1.39 -6.60
C GLY A 408 -6.63 -2.49 -5.58
N ILE A 409 -7.18 -3.65 -5.96
CA ILE A 409 -7.17 -4.82 -5.11
C ILE A 409 -6.62 -5.98 -5.91
N TYR A 410 -5.77 -6.78 -5.26
CA TYR A 410 -5.02 -7.84 -5.94
C TYR A 410 -5.06 -9.09 -5.10
N LYS A 411 -5.03 -10.22 -5.78
CA LYS A 411 -4.91 -11.49 -5.08
C LYS A 411 -3.69 -12.22 -5.62
N PHE A 412 -2.81 -12.62 -4.72
CA PHE A 412 -1.71 -13.51 -5.09
C PHE A 412 -2.19 -14.92 -4.79
N ASN A 413 -2.23 -15.76 -5.81
CA ASN A 413 -2.93 -17.04 -5.68
C ASN A 413 -2.00 -18.22 -5.46
N GLY A 414 -0.68 -17.97 -5.54
CA GLY A 414 0.33 -18.97 -5.22
C GLY A 414 0.41 -20.12 -6.20
N LYS A 415 -0.15 -19.94 -7.39
CA LYS A 415 -0.30 -21.04 -8.33
C LYS A 415 0.82 -21.05 -9.37
N LYS A 416 1.31 -22.24 -9.71
CA LYS A 416 2.27 -22.41 -10.79
C LYS A 416 1.57 -22.61 -12.15
N SER A 426 6.39 -16.17 -15.79
CA SER A 426 7.63 -15.52 -15.36
C SER A 426 7.80 -14.18 -16.07
N SER A 427 6.66 -13.58 -16.44
CA SER A 427 6.64 -12.15 -16.71
C SER A 427 6.71 -11.46 -15.35
N LEU A 428 7.37 -10.31 -15.29
CA LEU A 428 7.51 -9.61 -14.03
C LEU A 428 6.56 -8.43 -13.96
N ASP A 429 5.32 -8.65 -14.38
CA ASP A 429 4.35 -7.57 -14.48
C ASP A 429 2.93 -8.12 -14.42
N SER A 430 1.94 -7.35 -14.84
CA SER A 430 0.54 -7.80 -14.75
C SER A 430 0.21 -8.99 -15.65
N LEU A 431 1.12 -9.37 -16.53
CA LEU A 431 0.91 -10.56 -17.37
C LEU A 431 1.08 -11.86 -16.58
N ASN A 432 1.70 -11.77 -15.41
CA ASN A 432 1.95 -12.96 -14.61
C ASN A 432 0.66 -13.44 -13.96
N GLU A 433 0.24 -14.66 -14.29
CA GLU A 433 -1.08 -15.11 -13.90
C GLU A 433 -1.15 -15.61 -12.47
N SER A 434 -0.04 -15.50 -11.73
CA SER A 434 -0.09 -15.82 -10.31
C SER A 434 -0.54 -14.59 -9.50
N VAL A 435 -0.77 -13.48 -10.19
CA VAL A 435 -1.46 -12.37 -9.53
C VAL A 435 -2.78 -12.13 -10.25
N GLU A 436 -3.82 -11.86 -9.47
CA GLU A 436 -5.13 -11.56 -10.03
C GLU A 436 -5.47 -10.10 -9.79
N LEU A 437 -5.79 -9.37 -10.85
CA LEU A 437 -6.15 -7.96 -10.74
C LEU A 437 -7.66 -7.80 -10.58
N LEU A 438 -8.13 -7.76 -9.33
CA LEU A 438 -9.56 -7.78 -9.01
C LEU A 438 -10.27 -6.46 -9.36
N GLY A 439 -9.52 -5.39 -9.57
CA GLY A 439 -10.13 -4.13 -9.98
C GLY A 439 -9.29 -2.93 -9.58
N ASN A 440 -9.30 -1.90 -10.42
CA ASN A 440 -8.61 -0.64 -10.17
C ASN A 440 -9.50 0.57 -10.45
N LEU A 441 -9.29 1.65 -9.71
CA LEU A 441 -9.79 2.95 -10.09
C LEU A 441 -8.88 3.62 -11.13
N GLY A 442 -9.33 4.75 -11.65
CA GLY A 442 -8.53 5.50 -12.60
C GLY A 442 -7.39 6.27 -11.93
N LYS A 443 -6.50 6.82 -12.76
CA LYS A 443 -5.33 7.51 -12.27
C LYS A 443 -5.64 8.92 -11.76
N GLY A 444 -6.80 9.47 -12.14
CA GLY A 444 -7.04 10.88 -11.97
C GLY A 444 -8.32 11.34 -11.30
N LEU A 445 -9.20 10.43 -10.92
CA LEU A 445 -10.46 10.83 -10.32
C LEU A 445 -10.57 10.37 -8.88
N GLU A 446 -11.14 11.21 -8.02
CA GLU A 446 -11.54 10.75 -6.71
C GLU A 446 -12.60 9.66 -6.89
N GLY A 447 -12.73 8.77 -5.92
CA GLY A 447 -13.74 7.72 -6.03
C GLY A 447 -13.60 6.58 -5.04
N ALA A 448 -14.28 5.46 -5.32
CA ALA A 448 -14.22 4.33 -4.42
C ALA A 448 -14.40 3.04 -5.19
N ILE A 449 -13.72 2.00 -4.73
CA ILE A 449 -13.88 0.68 -5.33
C ILE A 449 -14.15 -0.33 -4.23
N LEU A 450 -15.17 -1.16 -4.45
CA LEU A 450 -15.52 -2.22 -3.52
C LEU A 450 -15.46 -3.55 -4.25
N ARG A 451 -14.77 -4.52 -3.64
CA ARG A 451 -14.68 -5.85 -4.22
C ARG A 451 -14.84 -6.90 -3.14
N GLU A 452 -15.60 -7.94 -3.45
CA GLU A 452 -15.62 -9.13 -2.63
C GLU A 452 -14.39 -9.94 -3.03
N VAL A 453 -13.54 -10.25 -2.06
CA VAL A 453 -12.35 -11.00 -2.36
C VAL A 453 -12.44 -12.35 -1.64
N GLN A 454 -12.29 -13.42 -2.40
CA GLN A 454 -12.30 -14.75 -1.83
C GLN A 454 -10.93 -15.42 -1.96
N PHE A 455 -10.48 -16.02 -0.87
CA PHE A 455 -9.16 -16.63 -0.82
C PHE A 455 -9.17 -17.64 0.32
N GLU A 456 -8.06 -18.34 0.50
CA GLU A 456 -7.96 -19.31 1.58
C GLU A 456 -6.76 -19.07 2.47
N VAL A 457 -6.89 -19.47 3.73
CA VAL A 457 -5.80 -19.48 4.68
C VAL A 457 -5.77 -20.86 5.33
N PHE A 458 -4.70 -21.16 6.04
CA PHE A 458 -4.57 -22.44 6.69
C PHE A 458 -4.41 -22.24 8.18
N ARG A 459 -5.16 -23.02 8.95
CA ARG A 459 -5.27 -22.81 10.38
C ARG A 459 -5.07 -24.09 11.18
N ASN B . 7.73 6.21 -3.02
CA ASN B . 6.67 7.07 -3.59
C ASN B . 6.91 7.28 -5.08
O ASN B . 6.11 7.91 -5.77
CB ASN B . 6.62 8.42 -2.83
CG ASN B . 6.17 8.27 -1.39
OD1 ASN B . 6.88 7.72 -0.54
ND2 ASN B . 4.96 8.76 -1.10
HA ASN B . 5.81 6.64 -3.47
N VAL C . 8.01 6.73 -5.57
CA VAL C . 8.32 6.74 -6.99
C VAL C . 9.33 5.64 -7.30
O VAL C . 9.18 4.92 -8.29
CB VAL C . 8.86 8.12 -7.46
CG1 VAL C . 9.96 8.61 -6.56
CG2 VAL C . 9.34 8.05 -8.91
#